data_2HUW
#
_entry.id   2HUW
#
_cell.length_a   31.824
_cell.length_b   85.490
_cell.length_c   41.436
_cell.angle_alpha   90.00
_cell.angle_beta   92.60
_cell.angle_gamma   90.00
#
_symmetry.space_group_name_H-M   'P 1 21 1'
#
loop_
_entity.id
_entity.type
_entity.pdbx_description
1 polymer 'Growth factor receptor-bound protein 2'
2 non-polymer N-({(1R,2R,3S)-2-(methylcarbamoyl)-3-[4-(phosphonooxy)phenyl]cyclopropyl}carbonyl)-L-valyl-L-aspartamide
3 non-polymer 'PHOSPHATE ION'
4 water water
#
_entity_poly.entity_id   1
_entity_poly.type   'polypeptide(L)'
_entity_poly.pdbx_seq_one_letter_code
;IEMKPHPWFFGKIPRAKAEEMLSKQRHDGAFLIRESESAPGDFSLSVKFGNDVQHFKVLRDGAGKYFLWVVKFNSLNELV
DYHRSTSVSRNQQIFLRDIEQVPQQPTYVQHHHHHH
;
_entity_poly.pdbx_strand_id   A,B
#
# COMPACT_ATOMS: atom_id res chain seq x y z
N MET A 3 -9.42 -1.55 13.54
CA MET A 3 -8.14 -1.61 12.75
C MET A 3 -7.66 -0.19 12.45
N LYS A 4 -6.46 -0.10 11.88
CA LYS A 4 -5.88 1.18 11.52
C LYS A 4 -4.98 1.01 10.30
N PRO A 5 -4.95 2.02 9.42
CA PRO A 5 -4.11 1.94 8.22
C PRO A 5 -2.62 2.00 8.57
N HIS A 6 -1.78 1.42 7.71
CA HIS A 6 -0.35 1.39 7.94
C HIS A 6 0.32 2.70 7.55
N PRO A 7 1.02 3.34 8.51
CA PRO A 7 1.71 4.62 8.30
C PRO A 7 2.98 4.50 7.47
N TRP A 8 3.13 3.40 6.74
CA TRP A 8 4.33 3.21 5.92
C TRP A 8 4.09 3.16 4.41
N PHE A 9 2.83 3.18 3.99
CA PHE A 9 2.54 3.14 2.56
C PHE A 9 2.28 4.54 2.03
N PHE A 10 3.26 5.07 1.28
CA PHE A 10 3.16 6.42 0.72
C PHE A 10 2.71 6.48 -0.73
N GLY A 11 2.45 5.33 -1.34
CA GLY A 11 2.02 5.31 -2.73
C GLY A 11 2.99 5.97 -3.69
N LYS A 12 2.47 6.83 -4.55
CA LYS A 12 3.30 7.50 -5.55
C LYS A 12 4.02 8.72 -4.99
N ILE A 13 5.32 8.57 -4.78
CA ILE A 13 6.17 9.62 -4.26
C ILE A 13 7.54 9.40 -4.90
N PRO A 14 8.17 10.46 -5.40
CA PRO A 14 9.48 10.27 -6.03
C PRO A 14 10.52 9.74 -5.05
N ARG A 15 11.48 8.99 -5.58
CA ARG A 15 12.56 8.42 -4.78
C ARG A 15 13.27 9.49 -3.96
N ALA A 16 13.59 10.62 -4.60
CA ALA A 16 14.29 11.72 -3.93
C ALA A 16 13.45 12.37 -2.84
N LYS A 17 12.13 12.36 -3.00
CA LYS A 17 11.24 12.93 -1.99
C LYS A 17 11.21 12.03 -0.76
N ALA A 18 11.27 10.72 -1.00
CA ALA A 18 11.29 9.75 0.09
C ALA A 18 12.55 10.03 0.90
N GLU A 19 13.64 10.30 0.18
CA GLU A 19 14.92 10.61 0.81
C GLU A 19 14.85 11.87 1.68
N GLU A 20 14.27 12.93 1.14
CA GLU A 20 14.15 14.18 1.87
C GLU A 20 13.33 13.97 3.14
N MET A 21 12.26 13.21 3.03
CA MET A 21 11.38 12.95 4.18
C MET A 21 12.07 12.08 5.23
N LEU A 22 12.62 10.94 4.80
CA LEU A 22 13.27 10.05 5.75
C LEU A 22 14.52 10.65 6.37
N SER A 23 15.22 11.51 5.63
CA SER A 23 16.42 12.13 6.18
C SER A 23 16.05 13.02 7.37
N LYS A 24 14.78 13.42 7.45
CA LYS A 24 14.31 14.28 8.53
C LYS A 24 13.86 13.50 9.77
N GLN A 25 13.73 12.18 9.62
CA GLN A 25 13.36 11.31 10.73
C GLN A 25 14.59 11.15 11.60
N ARG A 26 14.44 10.87 12.88
CA ARG A 26 15.63 10.74 13.70
C ARG A 26 16.07 9.32 14.00
N HIS A 27 15.18 8.35 13.84
CA HIS A 27 15.54 6.96 14.14
C HIS A 27 15.94 6.10 12.96
N ASP A 28 17.09 5.44 13.07
CA ASP A 28 17.53 4.55 12.00
C ASP A 28 16.45 3.49 11.88
N GLY A 29 16.13 3.08 10.66
CA GLY A 29 15.10 2.09 10.48
C GLY A 29 13.79 2.72 10.07
N ALA A 30 13.65 4.04 10.23
CA ALA A 30 12.43 4.74 9.81
C ALA A 30 12.29 4.40 8.34
N PHE A 31 11.09 3.99 7.92
CA PHE A 31 10.93 3.56 6.54
C PHE A 31 9.58 3.85 5.91
N LEU A 32 9.50 3.58 4.62
CA LEU A 32 8.25 3.74 3.88
C LEU A 32 8.31 2.88 2.64
N ILE A 33 7.14 2.50 2.14
CA ILE A 33 7.03 1.73 0.92
C ILE A 33 6.47 2.74 -0.08
N ARG A 34 7.04 2.76 -1.27
CA ARG A 34 6.58 3.66 -2.32
C ARG A 34 6.49 2.87 -3.60
N GLU A 35 5.64 3.34 -4.51
CA GLU A 35 5.52 2.66 -5.78
C GLU A 35 6.77 3.04 -6.57
N SER A 36 7.48 2.02 -7.02
CA SER A 36 8.75 2.16 -7.74
C SER A 36 8.76 3.18 -8.87
N GLU A 37 9.87 3.91 -9.00
CA GLU A 37 9.94 4.87 -10.08
C GLU A 37 10.73 4.30 -11.26
N SER A 38 11.65 3.38 -10.97
CA SER A 38 12.44 2.75 -12.02
C SER A 38 11.76 1.46 -12.49
N ALA A 39 10.83 0.95 -11.68
CA ALA A 39 10.11 -0.26 -12.02
C ALA A 39 8.61 -0.04 -11.83
N PRO A 40 7.98 0.75 -12.73
CA PRO A 40 6.55 1.05 -12.66
C PRO A 40 5.70 -0.22 -12.51
N GLY A 41 4.80 -0.23 -11.54
CA GLY A 41 3.96 -1.39 -11.31
C GLY A 41 4.44 -2.20 -10.12
N ASP A 42 5.63 -1.86 -9.62
CA ASP A 42 6.21 -2.54 -8.48
C ASP A 42 6.43 -1.57 -7.33
N PHE A 43 7.03 -2.05 -6.24
CA PHE A 43 7.27 -1.22 -5.07
C PHE A 43 8.74 -1.18 -4.70
N SER A 44 9.09 -0.18 -3.89
CA SER A 44 10.44 0.00 -3.38
C SER A 44 10.35 0.33 -1.90
N LEU A 45 11.42 0.01 -1.17
CA LEU A 45 11.47 0.27 0.27
C LEU A 45 12.62 1.24 0.53
N SER A 46 12.32 2.33 1.22
CA SER A 46 13.35 3.33 1.52
C SER A 46 13.50 3.37 3.04
N VAL A 47 14.74 3.26 3.50
CA VAL A 47 15.01 3.22 4.93
C VAL A 47 16.10 4.17 5.37
N LYS A 48 15.86 4.85 6.48
CA LYS A 48 16.87 5.76 7.01
C LYS A 48 17.92 4.95 7.76
N PHE A 49 19.18 5.29 7.53
CA PHE A 49 20.27 4.63 8.24
C PHE A 49 21.41 5.62 8.33
N GLY A 50 21.56 6.24 9.49
CA GLY A 50 22.62 7.22 9.66
C GLY A 50 22.28 8.47 8.89
N ASN A 51 23.24 8.97 8.12
CA ASN A 51 23.02 10.18 7.34
C ASN A 51 22.60 9.88 5.90
N ASP A 52 22.19 8.64 5.66
CA ASP A 52 21.77 8.23 4.32
C ASP A 52 20.39 7.57 4.36
N VAL A 53 19.80 7.41 3.18
CA VAL A 53 18.52 6.74 3.04
C VAL A 53 18.79 5.64 2.02
N GLN A 54 18.66 4.39 2.45
CA GLN A 54 18.93 3.26 1.57
C GLN A 54 17.67 2.82 0.86
N HIS A 55 17.83 2.30 -0.35
CA HIS A 55 16.69 1.86 -1.15
C HIS A 55 16.79 0.38 -1.50
N PHE A 56 15.66 -0.31 -1.42
CA PHE A 56 15.61 -1.75 -1.73
C PHE A 56 14.48 -2.01 -2.72
N LYS A 57 14.73 -2.90 -3.67
CA LYS A 57 13.68 -3.23 -4.62
C LYS A 57 12.79 -4.30 -3.99
N VAL A 58 11.48 -4.13 -4.06
CA VAL A 58 10.59 -5.15 -3.54
C VAL A 58 10.37 -6.04 -4.75
N LEU A 59 11.00 -7.21 -4.74
CA LEU A 59 10.93 -8.15 -5.86
C LEU A 59 9.71 -9.06 -5.83
N ARG A 60 9.38 -9.61 -7.00
CA ARG A 60 8.23 -10.50 -7.13
C ARG A 60 8.64 -11.74 -7.92
N ASP A 61 7.93 -12.84 -7.71
CA ASP A 61 8.19 -14.05 -8.47
C ASP A 61 6.90 -14.46 -9.18
N GLY A 62 6.98 -15.44 -10.07
CA GLY A 62 5.80 -15.87 -10.80
C GLY A 62 4.63 -16.31 -9.92
N ALA A 63 4.90 -16.59 -8.65
CA ALA A 63 3.86 -17.01 -7.72
C ALA A 63 3.17 -15.84 -7.03
N GLY A 64 3.63 -14.63 -7.32
CA GLY A 64 3.03 -13.45 -6.71
C GLY A 64 3.58 -13.11 -5.34
N LYS A 65 4.68 -13.74 -4.96
CA LYS A 65 5.27 -13.47 -3.66
C LYS A 65 6.13 -12.22 -3.69
N TYR A 66 6.36 -11.63 -2.53
CA TYR A 66 7.18 -10.44 -2.40
C TYR A 66 8.43 -10.83 -1.62
N PHE A 67 9.57 -10.23 -1.96
CA PHE A 67 10.80 -10.53 -1.26
C PHE A 67 11.89 -9.50 -1.54
N LEU A 68 12.90 -9.48 -0.68
CA LEU A 68 14.04 -8.59 -0.79
C LEU A 68 15.30 -9.39 -1.10
N TRP A 69 15.42 -10.55 -0.45
CA TRP A 69 16.58 -11.40 -0.64
C TRP A 69 16.22 -12.84 -1.03
N VAL A 70 16.22 -13.74 -0.06
CA VAL A 70 15.91 -15.14 -0.31
C VAL A 70 14.55 -15.53 0.28
N VAL A 71 14.28 -15.09 1.51
CA VAL A 71 13.01 -15.40 2.18
C VAL A 71 11.86 -14.74 1.40
N LYS A 72 10.82 -15.51 1.11
CA LYS A 72 9.69 -14.97 0.37
C LYS A 72 8.45 -14.83 1.24
N PHE A 73 7.66 -13.79 0.96
CA PHE A 73 6.46 -13.51 1.73
C PHE A 73 5.22 -13.47 0.83
N ASN A 74 4.07 -13.76 1.42
CA ASN A 74 2.82 -13.76 0.68
C ASN A 74 2.17 -12.39 0.58
N SER A 75 2.70 -11.42 1.34
CA SER A 75 2.15 -10.09 1.30
C SER A 75 3.20 -9.05 1.65
N LEU A 76 2.95 -7.81 1.24
CA LEU A 76 3.84 -6.70 1.54
C LEU A 76 3.87 -6.48 3.04
N ASN A 77 2.68 -6.58 3.65
CA ASN A 77 2.52 -6.40 5.09
C ASN A 77 3.40 -7.35 5.89
N GLU A 78 3.46 -8.61 5.48
CA GLU A 78 4.26 -9.60 6.17
C GLU A 78 5.76 -9.38 5.94
N LEU A 79 6.11 -8.90 4.75
CA LEU A 79 7.50 -8.61 4.44
C LEU A 79 7.96 -7.49 5.36
N VAL A 80 7.16 -6.44 5.44
CA VAL A 80 7.47 -5.30 6.29
C VAL A 80 7.62 -5.73 7.75
N ASP A 81 6.60 -6.39 8.30
CA ASP A 81 6.63 -6.83 9.68
C ASP A 81 7.79 -7.77 10.00
N TYR A 82 8.12 -8.66 9.06
CA TYR A 82 9.23 -9.58 9.28
C TYR A 82 10.50 -8.79 9.53
N HIS A 83 10.70 -7.75 8.74
CA HIS A 83 11.91 -6.96 8.87
C HIS A 83 11.97 -5.94 10.01
N ARG A 84 11.02 -6.05 10.93
CA ARG A 84 11.03 -5.18 12.11
C ARG A 84 11.91 -5.89 13.14
N SER A 85 12.10 -7.19 12.97
CA SER A 85 12.92 -7.98 13.91
C SER A 85 14.11 -8.69 13.27
N THR A 86 14.17 -8.68 11.93
CA THR A 86 15.29 -9.25 11.21
C THR A 86 15.78 -8.14 10.28
N SER A 87 17.09 -7.93 10.24
CA SER A 87 17.67 -6.87 9.42
C SER A 87 17.32 -6.90 7.95
N VAL A 88 17.05 -5.72 7.38
CA VAL A 88 16.74 -5.61 5.97
C VAL A 88 18.01 -5.69 5.15
N SER A 89 19.14 -5.45 5.81
CA SER A 89 20.44 -5.48 5.14
C SER A 89 21.32 -6.65 5.58
N ARG A 90 22.16 -7.13 4.66
CA ARG A 90 23.06 -8.24 4.94
C ARG A 90 24.36 -7.72 5.54
N ASN A 91 24.76 -6.53 5.13
CA ASN A 91 26.00 -5.92 5.59
C ASN A 91 25.84 -5.10 6.87
N GLN A 92 24.60 -4.76 7.22
CA GLN A 92 24.37 -3.95 8.42
C GLN A 92 23.10 -4.39 9.15
N GLN A 93 23.02 -4.06 10.43
CA GLN A 93 21.85 -4.40 11.23
C GLN A 93 20.87 -3.23 11.21
N ILE A 94 19.88 -3.33 10.33
CA ILE A 94 18.88 -2.29 10.16
C ILE A 94 17.48 -2.88 10.33
N PHE A 95 16.79 -2.47 11.39
CA PHE A 95 15.45 -2.95 11.66
C PHE A 95 14.41 -1.90 11.35
N LEU A 96 13.38 -2.29 10.61
CA LEU A 96 12.33 -1.36 10.24
C LEU A 96 11.51 -0.89 11.44
N ARG A 97 11.23 0.41 11.48
CA ARG A 97 10.42 0.99 12.54
C ARG A 97 9.58 2.11 11.92
N ASP A 98 8.33 2.20 12.35
CA ASP A 98 7.43 3.23 11.81
C ASP A 98 7.99 4.63 11.99
N ILE A 99 7.75 5.47 10.99
CA ILE A 99 8.19 6.86 11.03
C ILE A 99 7.43 7.60 12.13
N GLU A 100 8.04 8.63 12.69
CA GLU A 100 7.39 9.43 13.72
C GLU A 100 6.61 10.51 13.00
N GLN A 101 5.29 10.52 13.19
CA GLN A 101 4.44 11.52 12.56
C GLN A 101 3.61 12.22 13.62
N VAL A 102 3.34 13.50 13.42
CA VAL A 102 2.53 14.27 14.35
C VAL A 102 1.10 14.22 13.81
N PRO A 103 0.12 13.89 14.67
CA PRO A 103 -1.28 13.81 14.23
C PRO A 103 -1.76 15.10 13.57
N LYS B 4 2.75 12.74 4.26
CA LYS B 4 2.24 11.67 5.16
C LYS B 4 1.76 10.43 4.40
N PRO B 5 1.69 9.27 5.07
CA PRO B 5 1.24 8.04 4.42
C PRO B 5 -0.25 8.10 4.10
N HIS B 6 -0.74 7.12 3.33
CA HIS B 6 -2.14 7.09 2.94
C HIS B 6 -3.00 6.26 3.89
N PRO B 7 -4.01 6.89 4.50
CA PRO B 7 -4.94 6.26 5.44
C PRO B 7 -5.87 5.23 4.80
N TRP B 8 -5.60 4.85 3.57
CA TRP B 8 -6.44 3.86 2.91
C TRP B 8 -5.76 2.52 2.66
N PHE B 9 -4.47 2.42 2.95
CA PHE B 9 -3.77 1.15 2.75
C PHE B 9 -3.75 0.36 4.05
N PHE B 10 -4.53 -0.72 4.09
CA PHE B 10 -4.60 -1.54 5.30
C PHE B 10 -3.76 -2.80 5.27
N GLY B 11 -3.08 -3.05 4.16
CA GLY B 11 -2.26 -4.24 4.08
C GLY B 11 -3.03 -5.54 4.22
N LYS B 12 -2.47 -6.46 4.99
CA LYS B 12 -3.08 -7.78 5.18
C LYS B 12 -4.18 -7.83 6.25
N ILE B 13 -5.42 -7.72 5.80
CA ILE B 13 -6.58 -7.79 6.69
C ILE B 13 -7.64 -8.60 5.96
N PRO B 14 -8.43 -9.40 6.70
CA PRO B 14 -9.47 -10.21 6.07
C PRO B 14 -10.55 -9.37 5.37
N ARG B 15 -11.11 -9.94 4.31
CA ARG B 15 -12.19 -9.31 3.56
C ARG B 15 -13.36 -9.02 4.52
N ALA B 16 -13.69 -9.99 5.35
CA ALA B 16 -14.79 -9.85 6.31
C ALA B 16 -14.51 -8.74 7.31
N LYS B 17 -13.25 -8.56 7.67
CA LYS B 17 -12.89 -7.53 8.64
C LYS B 17 -13.03 -6.14 8.01
N ALA B 18 -12.68 -6.06 6.73
CA ALA B 18 -12.81 -4.80 6.02
C ALA B 18 -14.29 -4.45 5.99
N GLU B 19 -15.13 -5.46 5.75
CA GLU B 19 -16.57 -5.26 5.71
C GLU B 19 -17.11 -4.76 7.03
N GLU B 20 -16.69 -5.38 8.13
CA GLU B 20 -17.13 -5.00 9.46
C GLU B 20 -16.81 -3.54 9.71
N MET B 21 -15.56 -3.18 9.44
CA MET B 21 -15.10 -1.83 9.66
C MET B 21 -15.80 -0.81 8.76
N LEU B 22 -15.94 -1.13 7.47
CA LEU B 22 -16.59 -0.20 6.55
C LEU B 22 -18.09 -0.07 6.78
N SER B 23 -18.74 -1.15 7.21
CA SER B 23 -20.17 -1.10 7.46
C SER B 23 -20.52 -0.11 8.58
N LYS B 24 -19.53 0.23 9.39
CA LYS B 24 -19.73 1.17 10.50
C LYS B 24 -19.46 2.60 10.06
N GLN B 25 -18.86 2.76 8.88
CA GLN B 25 -18.56 4.08 8.36
C GLN B 25 -19.85 4.81 8.01
N ARG B 26 -19.83 6.13 8.19
CA ARG B 26 -20.99 6.97 7.92
C ARG B 26 -21.26 7.35 6.47
N HIS B 27 -20.21 7.74 5.74
CA HIS B 27 -20.40 8.17 4.36
C HIS B 27 -20.16 7.14 3.27
N ASP B 28 -21.05 7.10 2.29
CA ASP B 28 -20.89 6.19 1.15
C ASP B 28 -19.59 6.59 0.50
N GLY B 29 -18.82 5.60 0.03
CA GLY B 29 -17.56 5.91 -0.60
C GLY B 29 -16.39 5.64 0.32
N ALA B 30 -16.66 5.52 1.61
CA ALA B 30 -15.61 5.24 2.59
C ALA B 30 -14.98 3.97 2.07
N PHE B 31 -13.65 3.92 2.02
CA PHE B 31 -13.00 2.76 1.42
C PHE B 31 -11.63 2.45 1.98
N LEU B 32 -11.06 1.35 1.49
CA LEU B 32 -9.72 0.93 1.86
C LEU B 32 -9.19 -0.04 0.81
N ILE B 33 -7.87 -0.14 0.73
CA ILE B 33 -7.23 -1.07 -0.19
C ILE B 33 -6.64 -2.11 0.76
N ARG B 34 -6.82 -3.37 0.41
CA ARG B 34 -6.28 -4.47 1.20
C ARG B 34 -5.64 -5.47 0.26
N GLU B 35 -4.70 -6.25 0.77
CA GLU B 35 -4.05 -7.25 -0.06
C GLU B 35 -5.06 -8.37 -0.23
N SER B 36 -5.37 -8.70 -1.47
CA SER B 36 -6.36 -9.73 -1.82
C SER B 36 -6.24 -11.03 -1.05
N GLU B 37 -7.37 -11.59 -0.64
CA GLU B 37 -7.30 -12.84 0.06
C GLU B 37 -7.47 -14.01 -0.90
N SER B 38 -8.33 -13.86 -1.91
CA SER B 38 -8.54 -14.94 -2.87
C SER B 38 -7.46 -14.95 -3.95
N ALA B 39 -6.68 -13.88 -4.02
CA ALA B 39 -5.61 -13.77 -4.99
C ALA B 39 -4.36 -13.16 -4.35
N PRO B 40 -3.65 -13.95 -3.52
CA PRO B 40 -2.45 -13.46 -2.85
C PRO B 40 -1.48 -12.81 -3.83
N GLY B 41 -0.90 -11.69 -3.43
CA GLY B 41 0.02 -10.98 -4.30
C GLY B 41 -0.67 -9.82 -4.99
N ASP B 42 -2.01 -9.81 -4.94
CA ASP B 42 -2.80 -8.74 -5.55
C ASP B 42 -3.50 -7.87 -4.52
N PHE B 43 -4.20 -6.85 -4.99
CA PHE B 43 -4.93 -5.95 -4.11
C PHE B 43 -6.41 -5.96 -4.39
N SER B 44 -7.19 -5.58 -3.38
CA SER B 44 -8.65 -5.53 -3.50
C SER B 44 -9.12 -4.22 -2.92
N LEU B 45 -10.20 -3.68 -3.47
CA LEU B 45 -10.78 -2.42 -3.01
C LEU B 45 -12.15 -2.69 -2.38
N SER B 46 -12.36 -2.21 -1.16
CA SER B 46 -13.63 -2.40 -0.48
C SER B 46 -14.23 -1.03 -0.22
N VAL B 47 -15.49 -0.85 -0.59
CA VAL B 47 -16.14 0.44 -0.46
C VAL B 47 -17.53 0.39 0.17
N LYS B 48 -17.79 1.30 1.09
CA LYS B 48 -19.09 1.37 1.76
C LYS B 48 -20.12 2.05 0.84
N PHE B 49 -21.31 1.46 0.76
CA PHE B 49 -22.38 2.04 -0.04
C PHE B 49 -23.72 1.62 0.54
N GLY B 50 -24.42 2.56 1.16
CA GLY B 50 -25.70 2.24 1.76
C GLY B 50 -25.54 1.16 2.81
N ASN B 51 -26.39 0.14 2.75
CA ASN B 51 -26.34 -0.94 3.72
C ASN B 51 -25.35 -2.03 3.35
N ASP B 52 -24.56 -1.80 2.30
CA ASP B 52 -23.59 -2.81 1.87
C ASP B 52 -22.16 -2.32 1.76
N VAL B 53 -21.27 -3.27 1.47
CA VAL B 53 -19.86 -2.99 1.28
C VAL B 53 -19.50 -3.72 -0.02
N GLN B 54 -19.10 -2.96 -1.03
CA GLN B 54 -18.76 -3.54 -2.31
C GLN B 54 -17.27 -3.82 -2.39
N HIS B 55 -16.95 -4.95 -3.03
CA HIS B 55 -15.56 -5.38 -3.19
C HIS B 55 -15.18 -5.38 -4.67
N PHE B 56 -14.02 -4.82 -4.97
CA PHE B 56 -13.52 -4.78 -6.34
C PHE B 56 -12.14 -5.39 -6.41
N LYS B 57 -11.86 -6.09 -7.51
CA LYS B 57 -10.54 -6.65 -7.68
C LYS B 57 -9.71 -5.53 -8.29
N VAL B 58 -8.46 -5.38 -7.87
CA VAL B 58 -7.61 -4.38 -8.48
C VAL B 58 -6.89 -5.21 -9.53
N LEU B 59 -7.37 -5.15 -10.75
CA LEU B 59 -6.82 -5.93 -11.85
C LEU B 59 -5.49 -5.40 -12.37
N ARG B 60 -4.74 -6.27 -13.02
CA ARG B 60 -3.46 -5.88 -13.57
C ARG B 60 -3.36 -6.44 -14.98
N ASP B 61 -2.68 -5.71 -15.86
CA ASP B 61 -2.52 -6.20 -17.22
C ASP B 61 -1.08 -6.63 -17.47
N GLY B 62 -0.80 -7.04 -18.70
CA GLY B 62 0.53 -7.49 -19.05
C GLY B 62 1.63 -6.44 -18.93
N ALA B 63 1.26 -5.17 -18.88
CA ALA B 63 2.26 -4.10 -18.78
C ALA B 63 2.45 -3.62 -17.34
N GLY B 64 1.77 -4.26 -16.40
CA GLY B 64 1.91 -3.86 -15.01
C GLY B 64 0.98 -2.74 -14.57
N LYS B 65 0.00 -2.39 -15.41
CA LYS B 65 -0.94 -1.34 -15.06
C LYS B 65 -1.93 -1.87 -14.02
N TYR B 66 -2.62 -0.95 -13.35
CA TYR B 66 -3.63 -1.31 -12.37
C TYR B 66 -4.92 -0.75 -12.96
N PHE B 67 -6.03 -1.44 -12.77
CA PHE B 67 -7.31 -0.94 -13.28
C PHE B 67 -8.50 -1.64 -12.63
N LEU B 68 -9.68 -1.05 -12.75
CA LEU B 68 -10.89 -1.65 -12.19
C LEU B 68 -11.80 -2.07 -13.34
N TRP B 69 -11.86 -1.25 -14.39
CA TRP B 69 -12.70 -1.53 -15.53
C TRP B 69 -11.96 -1.46 -16.86
N VAL B 70 -11.81 -0.26 -17.42
CA VAL B 70 -11.13 -0.08 -18.69
C VAL B 70 -9.92 0.84 -18.60
N VAL B 71 -10.10 2.04 -18.05
CA VAL B 71 -9.01 2.99 -17.90
C VAL B 71 -7.87 2.33 -17.11
N LYS B 72 -6.63 2.49 -17.57
CA LYS B 72 -5.46 1.90 -16.92
C LYS B 72 -4.64 2.94 -16.16
N PHE B 73 -4.13 2.55 -14.99
CA PHE B 73 -3.32 3.47 -14.19
C PHE B 73 -1.93 2.90 -13.96
N ASN B 74 -0.94 3.79 -13.88
CA ASN B 74 0.44 3.37 -13.66
C ASN B 74 0.71 3.01 -12.21
N SER B 75 -0.14 3.49 -11.31
CA SER B 75 0.04 3.20 -9.90
C SER B 75 -1.28 3.05 -9.16
N LEU B 76 -1.21 2.39 -8.02
CA LEU B 76 -2.39 2.20 -7.16
C LEU B 76 -2.86 3.56 -6.67
N ASN B 77 -1.90 4.41 -6.34
CA ASN B 77 -2.19 5.75 -5.83
C ASN B 77 -3.00 6.56 -6.84
N GLU B 78 -2.64 6.44 -8.11
CA GLU B 78 -3.35 7.16 -9.16
C GLU B 78 -4.74 6.59 -9.39
N LEU B 79 -4.85 5.26 -9.31
CA LEU B 79 -6.16 4.62 -9.49
C LEU B 79 -7.12 5.13 -8.41
N VAL B 80 -6.64 5.16 -7.17
CA VAL B 80 -7.45 5.60 -6.05
C VAL B 80 -7.88 7.06 -6.19
N ASP B 81 -6.93 7.94 -6.44
CA ASP B 81 -7.26 9.36 -6.56
C ASP B 81 -8.23 9.66 -7.68
N TYR B 82 -8.08 8.97 -8.80
CA TYR B 82 -8.96 9.15 -9.96
C TYR B 82 -10.41 8.86 -9.56
N HIS B 83 -10.59 7.82 -8.75
CA HIS B 83 -11.93 7.42 -8.34
C HIS B 83 -12.52 8.22 -7.19
N ARG B 84 -11.84 9.30 -6.84
CA ARG B 84 -12.32 10.20 -5.80
C ARG B 84 -13.31 11.16 -6.49
N SER B 85 -13.22 11.26 -7.81
CA SER B 85 -14.11 12.15 -8.57
C SER B 85 -14.82 11.47 -9.74
N THR B 86 -14.45 10.21 -10.01
CA THR B 86 -15.11 9.41 -11.06
C THR B 86 -15.55 8.12 -10.37
N SER B 87 -16.80 7.76 -10.55
CA SER B 87 -17.37 6.57 -9.90
C SER B 87 -16.61 5.26 -10.10
N VAL B 88 -16.46 4.51 -9.02
CA VAL B 88 -15.80 3.20 -9.08
C VAL B 88 -16.85 2.22 -9.57
N SER B 89 -18.11 2.65 -9.54
CA SER B 89 -19.24 1.81 -9.94
C SER B 89 -19.88 2.19 -11.28
N ARG B 90 -20.31 1.17 -12.02
CA ARG B 90 -20.96 1.37 -13.30
C ARG B 90 -22.47 1.47 -13.08
N ASN B 91 -22.92 1.08 -11.90
CA ASN B 91 -24.35 1.11 -11.58
C ASN B 91 -24.78 2.39 -10.91
N GLN B 92 -24.05 2.78 -9.86
CA GLN B 92 -24.36 4.00 -9.14
C GLN B 92 -23.16 4.94 -9.12
N GLN B 93 -23.38 6.17 -8.69
CA GLN B 93 -22.30 7.14 -8.59
C GLN B 93 -21.74 6.89 -7.20
N ILE B 94 -20.54 6.32 -7.15
CA ILE B 94 -19.89 6.01 -5.88
C ILE B 94 -18.46 6.51 -5.96
N PHE B 95 -18.18 7.57 -5.19
CA PHE B 95 -16.84 8.15 -5.20
C PHE B 95 -16.08 7.80 -3.92
N LEU B 96 -14.80 7.47 -4.09
CA LEU B 96 -13.96 7.11 -2.96
C LEU B 96 -13.68 8.30 -2.05
N ARG B 97 -13.77 8.06 -0.75
CA ARG B 97 -13.46 9.09 0.24
C ARG B 97 -12.85 8.41 1.45
N ASP B 98 -11.81 9.02 2.01
CA ASP B 98 -11.12 8.46 3.15
C ASP B 98 -12.02 8.13 4.32
N ILE B 99 -11.69 7.06 5.02
CA ILE B 99 -12.42 6.64 6.20
C ILE B 99 -12.30 7.75 7.24
N GLU B 100 -13.36 7.98 8.00
CA GLU B 100 -13.34 9.01 9.03
C GLU B 100 -12.98 8.40 10.37
N GLN B 101 -12.08 9.04 11.10
CA GLN B 101 -11.64 8.54 12.40
C GLN B 101 -12.45 9.15 13.54
#